data_8YGU
#
_entry.id   8YGU
#
_cell.length_a   1.00
_cell.length_b   1.00
_cell.length_c   1.00
_cell.angle_alpha   90.00
_cell.angle_beta   90.00
_cell.angle_gamma   90.00
#
_symmetry.space_group_name_H-M   'P 1'
#
loop_
_entity.id
_entity.type
_entity.pdbx_description
1 polymer 'Outer capsid protein VP4'
2 polymer 'Outer capsid protein VP4'
3 polymer 'Antibody 7H13-I54G mutant heavy chain'
4 polymer 'Antibody 7H13-I54G mutant light chain'
#
loop_
_entity_poly.entity_id
_entity_poly.type
_entity_poly.pdbx_seq_one_letter_code
_entity_poly.pdbx_strand_id
1 'polypeptide(L)'
;GYKMASLIYRQLLTNSYTVDLSDEIQEIGSTKSQNVTINPGPFAQTGYAPVNWGPGEINDSTTVEPLLDGPYQPTTFNPP
VDYWMLLAPTTPGVIVEGTNNTDRWLATILIEPNVQSENRTYTIFGIQEQLTVSNTSQDQWKFIDVAKTTANGSIEQYGP
LLSSPKLYAVMKHNKKLYTYEGQTPNARTGHYSTTNYDSVNMTAFCDFYIIPRSEESKCTEYINNGLPPIQNTRNVVPLS
LTARDVIHYRAQANEDIVISKTSLWKEMQYNRDITIRFKFANTIIKSGGLGYKWSEISFKPANYQYTYTRDGEEVTAHTT
CSVNGVNDFSFNGGSLPTDFVVSKFEVIKENSYVYIDYWDDSQAFRNVVYVRSLAANLNSVMCTGGSYNFSLPVGQWPVL
TGGAVSLHSAGVTLSTQFTDFVSLNSLRFRFRLAVEEPHFKLTRTRLSRLYGLPAANPNNGKEYYEIAGRFSLISLVPSN
HDYQTPIANSVTVRQDLERQLGELREEFNALSQEIAMSQLIDLALLPLDMFSMFSGIKSTIDAAKSMATNVMKKFKKSGL
ANSVSTLTDSLSDAASSISRGSSIRSIGSSASAWTDVSTQITDISSSVSSVSTQTSTISRRLRLKEMATQTEGMNFDDIS
AAVLKTKIDKSTQISPNTIPDIVTEASEKFIPNRAYRVINNDDVFEAGIDGKFFAYKVDTFEEIPFDVQKFADLVTDSPV
ISAIIDFKTLKNLNDNYGITKQQAFNLLRSDPRVLREFINQDNPIIRNRIEQLIMQCRL
;
A,C
2 'polypeptide(L)'
;GYKMASLIYRQLLTNSYTVDLSDEIQEIGSTKSQNVTINPGPFAQTGYAPVNWGPGEINDSTTVEPLLDGPYQPTTFNPP
VDYWMLLAPTTPGVIVEGTNNTDRWLATILIEPNVQSENRTYTIFGIQEQLTVSNTSQDQWKFIDVVKTTANGSIGQYGP
LLSSPKLYAVMKHNEKLYTYEGQTPNARTAHYSTTNYDSVNMTAFCDFYIIPRSEESKCTEYINNGLPPIQNTRNVVPLS
LTARDVIHYRAQANEDIVISKTSLWKEMQYNRDITIRFKFANTIIKSGGLGYKWSEISFKPANYQYTYTRDGEEVTAHTT
CSVNGVNDFSFNGGSLPTDFVVSKFEVIKENSYVYIDYWDDSQAFRNVVYVRSLAANLNSVMCTGGSYNFSLPVGQWPVL
TGGAVSLHSAGVTLSTQFTDFVSLNSLRFRFRLAVEEPHFKLTRTRLSRLYGLPAANPNNGKEYYEIAGRFSLISLVPSN
HDYQTPIANSVTVRQDLERQLGELREEFNALSQEIAMSQLIDLALLPLDMFSMFSGIKSTIDAAKSMATNVMKKFKKSGL
ANSVSTLTDSLSDAASSISRG
;
B
3 'polypeptide(L)'
;QVQLKESGPGLVAPSQSLSITCTVSGFSLSRYSVHWVRQPPGKGLEWLGMIWNGGSTDYNSALKSRLSISKDNSQSQVFL
KLNSLQTDDAAIYYCARNSGFDLFDFWGQGTTLTVS
;
H
4 'polypeptide(L)'
;DIVMTQSHKFMSTSVGDRVSITCKASQDVTSAVAWYQQKPGQSPKLLISSASYRYTGVPDRFSGSGSGTDFTFTISSVQA
EDLAVYYCQQHYSTPPTFGAGTKLELK
;
L
#
# COMPACT_ATOMS: atom_id res chain seq x y z
N THR A 413 17.06 13.97 23.66
CA THR A 413 16.28 13.38 22.58
C THR A 413 16.23 11.85 22.68
N LEU A 414 15.04 11.30 22.84
CA LEU A 414 14.83 9.87 22.90
C LEU A 414 13.93 9.46 21.74
N SER A 415 14.41 8.51 20.93
CA SER A 415 13.66 7.99 19.80
C SER A 415 13.36 6.52 19.99
N THR A 416 12.33 6.04 19.31
CA THR A 416 11.90 4.66 19.44
C THR A 416 11.42 4.15 18.09
N GLN A 417 11.95 3.01 17.67
CA GLN A 417 11.67 2.44 16.36
C GLN A 417 10.94 1.12 16.54
N PHE A 418 9.75 1.02 15.96
CA PHE A 418 8.83 -0.08 16.21
C PHE A 418 9.00 -1.13 15.12
N THR A 419 9.67 -2.24 15.45
CA THR A 419 9.86 -3.35 14.53
C THR A 419 9.44 -4.64 15.22
N ASP A 420 8.29 -5.18 14.85
CA ASP A 420 7.78 -6.48 15.29
C ASP A 420 7.61 -6.54 16.80
N PHE A 421 6.85 -5.58 17.34
CA PHE A 421 6.42 -5.54 18.74
C PHE A 421 7.59 -5.42 19.71
N VAL A 422 8.70 -4.85 19.25
CA VAL A 422 9.89 -4.66 20.06
C VAL A 422 10.36 -3.22 19.86
N SER A 423 10.57 -2.51 20.96
CA SER A 423 11.12 -1.17 20.93
C SER A 423 12.62 -1.21 20.71
N LEU A 424 13.11 -0.34 19.83
CA LEU A 424 14.53 -0.16 19.58
C LEU A 424 14.87 1.27 19.96
N ASN A 425 15.36 1.47 21.17
CA ASN A 425 15.56 2.81 21.73
C ASN A 425 16.96 3.31 21.46
N SER A 426 17.11 4.63 21.54
CA SER A 426 18.40 5.31 21.42
C SER A 426 18.28 6.65 22.13
N LEU A 427 19.41 7.15 22.62
CA LEU A 427 19.38 8.40 23.38
C LEU A 427 20.08 9.52 22.61
N LEU B 264 -2.93 4.96 38.08
CA LEU B 264 -4.12 4.25 37.62
C LEU B 264 -4.29 4.45 36.12
N TRP B 265 -3.77 3.50 35.33
CA TRP B 265 -3.57 3.64 33.90
C TRP B 265 -4.18 2.44 33.18
N LYS B 266 -4.12 2.47 31.84
CA LYS B 266 -4.91 1.55 31.03
C LYS B 266 -4.38 1.58 29.60
N GLU B 267 -4.47 0.45 28.90
CA GLU B 267 -4.10 0.37 27.49
C GLU B 267 -5.32 0.40 26.58
N MET B 268 -5.15 0.99 25.40
CA MET B 268 -6.26 1.29 24.51
C MET B 268 -5.77 1.18 23.07
N GLN B 269 -6.66 0.80 22.17
CA GLN B 269 -6.32 0.55 20.77
C GLN B 269 -7.08 1.50 19.85
N TYR B 270 -6.41 1.97 18.80
CA TYR B 270 -7.01 2.85 17.80
C TYR B 270 -6.67 2.31 16.41
N ASN B 271 -7.69 1.84 15.67
CA ASN B 271 -7.53 1.42 14.29
C ASN B 271 -8.19 2.44 13.39
N ARG B 272 -7.40 3.30 12.76
CA ARG B 272 -7.95 4.39 11.96
C ARG B 272 -7.22 4.50 10.63
N ASP B 273 -7.89 5.09 9.65
CA ASP B 273 -7.31 5.30 8.33
C ASP B 273 -6.37 6.50 8.33
N ILE B 274 -5.70 6.70 7.20
CA ILE B 274 -4.72 7.76 7.03
C ILE B 274 -4.53 8.01 5.54
N THR B 275 -4.35 9.28 5.17
CA THR B 275 -3.90 9.66 3.84
C THR B 275 -2.69 10.56 4.01
N ILE B 276 -1.64 10.33 3.23
CA ILE B 276 -0.42 11.11 3.28
C ILE B 276 -0.27 11.85 1.97
N ARG B 277 -0.31 13.18 2.02
CA ARG B 277 -0.08 13.99 0.83
C ARG B 277 1.18 14.83 1.03
N PHE B 278 2.09 14.76 0.06
CA PHE B 278 3.42 15.35 0.18
C PHE B 278 3.89 15.79 -1.18
N LYS B 279 5.05 16.45 -1.22
CA LYS B 279 5.77 16.80 -2.44
C LYS B 279 7.21 17.16 -2.10
N PHE B 280 8.02 17.33 -3.16
CA PHE B 280 9.45 17.54 -3.05
C PHE B 280 9.80 19.03 -3.13
N ALA B 281 11.10 19.31 -3.19
CA ALA B 281 11.65 20.65 -3.42
C ALA B 281 13.09 20.48 -3.88
N ASN B 282 13.69 21.56 -4.36
CA ASN B 282 15.09 21.52 -4.81
C ASN B 282 15.77 22.87 -4.65
N THR B 283 17.04 22.91 -5.04
CA THR B 283 17.88 24.09 -4.95
C THR B 283 18.89 24.08 -6.08
N ILE B 284 18.85 25.10 -6.95
CA ILE B 284 19.77 25.22 -8.07
C ILE B 284 20.58 26.50 -7.90
N ILE B 285 21.89 26.41 -8.09
CA ILE B 285 22.78 27.56 -8.05
C ILE B 285 23.80 27.44 -9.17
N LYS B 286 24.31 28.59 -9.63
CA LYS B 286 25.33 28.66 -10.66
C LYS B 286 26.62 29.22 -10.08
N SER B 287 27.73 28.92 -10.76
CA SER B 287 29.04 29.40 -10.38
C SER B 287 29.31 30.74 -11.04
N GLY B 288 30.12 31.57 -10.39
CA GLY B 288 30.47 32.84 -10.96
C GLY B 288 31.39 32.70 -12.16
N GLY B 289 31.23 33.61 -13.12
CA GLY B 289 32.02 33.57 -14.34
C GLY B 289 31.24 33.96 -15.56
N LEU B 290 31.57 33.36 -16.71
CA LEU B 290 30.90 33.71 -17.95
C LEU B 290 29.48 33.15 -18.01
N GLY B 291 29.18 32.12 -17.24
CA GLY B 291 27.85 31.60 -17.15
C GLY B 291 27.60 30.27 -17.83
N TYR B 292 28.61 29.40 -17.94
CA TYR B 292 28.47 28.10 -18.57
C TYR B 292 28.52 26.94 -17.59
N LYS B 293 28.77 27.21 -16.31
CA LYS B 293 29.05 26.17 -15.33
C LYS B 293 28.07 26.27 -14.18
N TRP B 294 27.44 25.15 -13.86
CA TRP B 294 26.54 25.02 -12.72
C TRP B 294 27.28 24.45 -11.53
N SER B 295 26.82 24.80 -10.34
CA SER B 295 27.51 24.43 -9.11
C SER B 295 26.84 23.34 -8.31
N GLU B 296 25.50 23.31 -8.26
CA GLU B 296 24.80 22.38 -7.38
C GLU B 296 23.35 22.25 -7.82
N ILE B 297 22.90 21.01 -8.01
CA ILE B 297 21.48 20.71 -8.25
C ILE B 297 21.12 19.68 -7.18
N SER B 298 20.49 20.13 -6.09
CA SER B 298 20.34 19.30 -4.91
C SER B 298 18.90 19.32 -4.43
N PHE B 299 18.60 18.45 -3.45
CA PHE B 299 17.29 18.36 -2.82
C PHE B 299 17.17 19.36 -1.67
N LYS B 300 15.95 19.46 -1.14
CA LYS B 300 15.59 20.41 -0.10
C LYS B 300 14.26 19.96 0.49
N PRO B 301 14.06 20.08 1.81
CA PRO B 301 12.77 19.68 2.38
C PRO B 301 11.63 20.63 2.02
N ALA B 302 10.41 20.12 2.13
CA ALA B 302 9.22 20.82 1.73
C ALA B 302 8.09 20.55 2.69
N ASN B 303 7.18 21.52 2.83
CA ASN B 303 6.02 21.42 3.71
C ASN B 303 4.74 21.47 2.89
N TYR B 304 3.65 20.93 3.45
CA TYR B 304 2.37 20.91 2.77
C TYR B 304 1.26 20.79 3.79
N GLN B 305 0.12 21.41 3.51
CA GLN B 305 -1.02 21.46 4.42
C GLN B 305 -2.30 21.17 3.64
N TYR B 306 -3.17 20.34 4.21
CA TYR B 306 -4.34 19.86 3.49
C TYR B 306 -5.44 19.51 4.47
N THR B 307 -6.55 19.00 3.93
CA THR B 307 -7.76 18.67 4.69
C THR B 307 -8.53 17.55 4.00
N TYR B 308 -8.76 16.46 4.73
CA TYR B 308 -9.54 15.34 4.20
C TYR B 308 -10.53 14.92 5.26
N THR B 309 -11.38 13.95 4.91
CA THR B 309 -12.42 13.46 5.80
C THR B 309 -12.27 11.96 6.04
N ARG B 310 -12.33 11.56 7.31
CA ARG B 310 -12.55 10.17 7.68
C ARG B 310 -13.80 10.16 8.55
N ASP B 311 -14.64 9.13 8.38
CA ASP B 311 -15.80 8.83 9.24
C ASP B 311 -16.79 10.00 9.33
N GLY B 312 -16.90 10.77 8.25
CA GLY B 312 -17.75 11.93 8.25
C GLY B 312 -17.24 13.10 9.05
N GLU B 313 -15.95 13.14 9.37
CA GLU B 313 -15.35 14.22 10.16
C GLU B 313 -14.13 14.77 9.45
N GLU B 314 -14.03 16.08 9.39
CA GLU B 314 -12.93 16.75 8.70
C GLU B 314 -11.71 16.81 9.62
N VAL B 315 -10.54 16.45 9.09
CA VAL B 315 -9.29 16.52 9.81
C VAL B 315 -8.30 17.31 8.98
N THR B 316 -7.48 18.13 9.65
CA THR B 316 -6.42 18.87 8.99
C THR B 316 -5.07 18.33 9.42
N ALA B 317 -4.17 18.16 8.45
CA ALA B 317 -2.92 17.49 8.72
C ALA B 317 -1.79 18.26 8.05
N HIS B 318 -0.55 17.89 8.42
CA HIS B 318 0.64 18.54 7.93
C HIS B 318 1.67 17.47 7.57
N THR B 319 2.62 17.83 6.71
CA THR B 319 3.58 16.88 6.17
C THR B 319 4.89 17.60 5.86
N THR B 320 6.01 16.98 6.22
CA THR B 320 7.34 17.44 5.86
C THR B 320 8.11 16.28 5.25
N CYS B 321 8.73 16.51 4.09
CA CYS B 321 9.37 15.45 3.31
C CYS B 321 10.86 15.76 3.14
N SER B 322 11.71 14.81 3.54
CA SER B 322 13.15 14.92 3.38
C SER B 322 13.70 13.62 2.83
N VAL B 323 15.02 13.53 2.71
CA VAL B 323 15.66 12.43 1.99
C VAL B 323 17.03 12.16 2.61
N ASN B 324 17.53 10.93 2.42
CA ASN B 324 18.80 10.50 2.98
C ASN B 324 19.41 9.44 2.09
N GLY B 325 20.73 9.31 2.13
CA GLY B 325 21.42 8.29 1.36
C GLY B 325 21.62 8.63 -0.10
N VAL B 326 22.00 9.87 -0.39
CA VAL B 326 21.86 10.39 -1.74
C VAL B 326 23.14 10.17 -2.54
N ASN B 327 22.97 9.74 -3.79
CA ASN B 327 24.05 9.51 -4.74
C ASN B 327 24.23 10.77 -5.58
N ASP B 328 25.44 11.32 -5.60
CA ASP B 328 25.69 12.56 -6.32
C ASP B 328 26.64 12.35 -7.50
N PHE B 329 26.23 12.88 -8.66
CA PHE B 329 26.92 12.73 -9.93
C PHE B 329 27.61 14.04 -10.29
N SER B 330 28.19 14.05 -11.49
CA SER B 330 29.03 15.15 -11.96
C SER B 330 29.23 15.00 -13.45
N PHE B 331 29.63 16.09 -14.09
CA PHE B 331 30.01 16.06 -15.50
C PHE B 331 31.09 17.12 -15.76
N ASN B 332 32.05 16.74 -16.59
CA ASN B 332 33.20 17.59 -16.93
C ASN B 332 33.21 17.75 -18.44
N GLY B 333 32.95 18.95 -18.93
CA GLY B 333 32.92 19.17 -20.36
C GLY B 333 34.26 19.59 -20.91
N GLY B 334 35.09 20.18 -20.07
CA GLY B 334 36.40 20.64 -20.50
C GLY B 334 36.97 21.62 -19.51
N SER B 335 38.11 22.19 -19.89
CA SER B 335 38.82 23.16 -19.05
C SER B 335 38.77 24.57 -19.61
N LEU B 336 38.17 24.78 -20.78
CA LEU B 336 38.03 26.09 -21.34
C LEU B 336 37.00 26.90 -20.55
N PRO B 337 37.03 28.23 -20.65
CA PRO B 337 35.99 29.01 -19.95
C PRO B 337 34.58 28.82 -20.48
N THR B 338 34.43 28.36 -21.73
CA THR B 338 33.10 28.22 -22.31
C THR B 338 32.61 26.78 -22.30
N ASP B 339 33.22 25.89 -21.52
CA ASP B 339 32.79 24.50 -21.52
C ASP B 339 31.69 24.26 -20.50
N PHE B 340 30.81 23.32 -20.82
CA PHE B 340 29.66 23.03 -19.98
C PHE B 340 30.02 22.02 -18.90
N VAL B 341 30.07 22.50 -17.66
CA VAL B 341 30.44 21.67 -16.52
C VAL B 341 29.35 21.75 -15.46
N VAL B 342 28.79 20.60 -15.10
CA VAL B 342 27.90 20.48 -13.94
C VAL B 342 28.72 19.87 -12.83
N SER B 343 28.92 20.62 -11.75
CA SER B 343 29.82 20.16 -10.70
C SER B 343 29.17 19.11 -9.81
N LYS B 344 27.86 19.20 -9.61
CA LYS B 344 27.16 18.30 -8.69
C LYS B 344 25.68 18.32 -9.01
N PHE B 345 25.14 17.19 -9.43
CA PHE B 345 23.70 16.94 -9.37
C PHE B 345 23.51 15.57 -8.74
N GLU B 346 22.41 15.40 -8.03
CA GLU B 346 22.26 14.20 -7.20
C GLU B 346 20.92 13.51 -7.45
N VAL B 347 20.95 12.17 -7.37
CA VAL B 347 19.79 11.32 -7.64
C VAL B 347 19.51 10.50 -6.40
N ILE B 348 18.38 9.80 -6.41
CA ILE B 348 18.07 8.79 -5.41
C ILE B 348 17.78 7.48 -6.13
N LYS B 349 18.51 6.42 -5.75
CA LYS B 349 18.36 5.14 -6.43
C LYS B 349 18.76 3.95 -5.56
N GLU B 350 17.77 3.20 -5.08
CA GLU B 350 17.83 1.81 -4.67
C GLU B 350 18.63 1.59 -3.37
N ASN B 351 19.49 2.53 -2.96
CA ASN B 351 20.13 2.52 -1.65
C ASN B 351 20.00 3.93 -1.09
N SER B 352 18.82 4.23 -0.56
CA SER B 352 18.43 5.56 -0.14
C SER B 352 17.07 5.46 0.49
N TYR B 353 16.73 6.47 1.30
CA TYR B 353 15.47 6.49 2.00
C TYR B 353 14.84 7.87 1.86
N VAL B 354 13.52 7.91 1.89
CA VAL B 354 12.78 9.16 1.88
C VAL B 354 11.92 9.19 3.15
N TYR B 355 11.90 10.34 3.81
CA TYR B 355 11.36 10.47 5.16
C TYR B 355 10.16 11.40 5.10
N ILE B 356 9.07 11.00 5.74
CA ILE B 356 7.83 11.78 5.76
C ILE B 356 7.37 11.94 7.20
N ASP B 357 7.26 13.18 7.66
CA ASP B 357 6.71 13.51 8.95
C ASP B 357 5.22 13.75 8.79
N TYR B 358 4.46 13.61 9.89
CA TYR B 358 3.01 13.67 9.83
C TYR B 358 2.45 13.96 11.21
N TRP B 359 1.58 14.97 11.31
CA TRP B 359 0.78 15.17 12.51
C TRP B 359 -0.58 15.70 12.13
N ASP B 360 -1.56 15.45 12.99
CA ASP B 360 -2.97 15.55 12.64
C ASP B 360 -3.71 16.29 13.76
N ASP B 361 -4.97 16.62 13.49
CA ASP B 361 -5.83 17.40 14.37
C ASP B 361 -6.74 16.53 15.23
N SER B 362 -6.73 15.21 15.02
CA SER B 362 -7.67 14.28 15.61
C SER B 362 -7.42 14.12 17.12
N GLN B 363 -8.31 13.37 17.76
CA GLN B 363 -8.13 13.06 19.17
C GLN B 363 -7.34 11.77 19.35
N ALA B 364 -6.97 11.12 18.24
CA ALA B 364 -6.12 9.95 18.31
C ALA B 364 -4.65 10.35 18.47
N PHE B 365 -4.28 11.54 17.97
CA PHE B 365 -2.91 11.99 18.19
C PHE B 365 -2.73 12.71 19.52
N ARG B 366 -3.76 12.77 20.35
CA ARG B 366 -3.53 13.22 21.72
C ARG B 366 -3.01 12.10 22.61
N ASN B 367 -2.92 10.87 22.09
CA ASN B 367 -2.63 9.70 22.89
C ASN B 367 -1.45 8.95 22.27
N VAL B 368 -0.50 9.69 21.69
CA VAL B 368 0.67 9.09 21.07
C VAL B 368 1.86 9.56 21.91
N VAL B 369 1.64 9.65 23.21
CA VAL B 369 2.70 10.03 24.13
C VAL B 369 3.46 8.81 24.63
N TYR B 370 2.77 7.83 25.21
CA TYR B 370 3.37 6.62 25.74
C TYR B 370 2.87 5.47 24.89
N VAL B 371 3.70 4.96 23.98
CA VAL B 371 3.27 4.05 22.92
C VAL B 371 3.85 2.68 23.17
N ARG B 372 2.99 1.65 23.13
CA ARG B 372 3.40 0.25 23.21
C ARG B 372 3.82 -0.31 21.86
N SER B 373 2.99 -0.16 20.83
CA SER B 373 3.32 -0.65 19.50
C SER B 373 2.57 0.16 18.47
N LEU B 374 3.04 0.09 17.22
CA LEU B 374 2.46 0.83 16.11
C LEU B 374 2.85 0.17 14.80
N ALA B 375 1.85 -0.18 13.99
CA ALA B 375 2.06 -0.76 12.68
C ALA B 375 1.08 -0.14 11.70
N ALA B 376 1.37 -0.27 10.40
CA ALA B 376 0.61 0.41 9.38
C ALA B 376 0.77 -0.25 8.02
N ASN B 377 -0.37 -0.46 7.33
CA ASN B 377 -0.42 -1.01 5.97
C ASN B 377 -0.71 0.14 5.01
N LEU B 378 0.16 0.34 4.03
CA LEU B 378 0.05 1.46 3.11
C LEU B 378 0.18 0.98 1.67
N ASN B 379 -0.40 1.76 0.74
CA ASN B 379 -0.21 1.54 -0.67
C ASN B 379 1.17 2.01 -1.12
N SER B 380 1.50 1.75 -2.37
CA SER B 380 2.73 2.23 -2.98
C SER B 380 2.40 3.24 -4.07
N VAL B 381 3.35 4.15 -4.31
CA VAL B 381 3.15 5.22 -5.26
C VAL B 381 4.44 5.36 -6.07
N MET B 382 4.31 5.83 -7.30
CA MET B 382 5.46 6.08 -8.16
C MET B 382 5.68 7.57 -8.33
N CYS B 383 6.92 8.00 -8.14
CA CYS B 383 7.33 9.37 -8.38
C CYS B 383 8.18 9.40 -9.64
N THR B 384 7.79 10.22 -10.61
CA THR B 384 8.48 10.28 -11.88
C THR B 384 9.01 11.69 -12.11
N GLY B 385 9.97 11.81 -13.03
CA GLY B 385 10.67 13.05 -13.24
C GLY B 385 10.15 13.86 -14.43
N GLY B 386 10.65 15.08 -14.54
CA GLY B 386 10.25 16.00 -15.59
C GLY B 386 11.39 16.40 -16.51
N SER B 387 11.64 17.70 -16.65
CA SER B 387 12.67 18.20 -17.55
C SER B 387 13.17 19.55 -17.07
N TYR B 388 14.45 19.82 -17.31
CA TYR B 388 15.08 21.07 -16.90
C TYR B 388 16.12 21.48 -17.94
N ASN B 389 15.96 22.68 -18.49
CA ASN B 389 16.82 23.20 -19.56
C ASN B 389 18.03 23.88 -18.94
N PHE B 390 19.22 23.48 -19.36
CA PHE B 390 20.42 24.21 -18.99
C PHE B 390 20.67 25.31 -20.01
N SER B 391 20.46 26.54 -19.58
CA SER B 391 20.43 27.69 -20.48
C SER B 391 21.84 28.25 -20.63
N LEU B 392 22.48 27.96 -21.76
CA LEU B 392 23.78 28.49 -22.11
C LEU B 392 23.62 29.79 -22.87
N PRO B 393 24.52 30.76 -22.69
CA PRO B 393 24.33 32.04 -23.38
C PRO B 393 24.64 32.00 -24.87
N VAL B 394 25.48 31.08 -25.31
CA VAL B 394 25.75 30.88 -26.73
C VAL B 394 25.66 29.39 -27.05
N GLY B 395 24.77 29.04 -27.96
CA GLY B 395 24.71 27.70 -28.49
C GLY B 395 23.44 26.97 -28.09
N GLN B 396 23.40 25.70 -28.47
CA GLN B 396 22.27 24.83 -28.18
C GLN B 396 22.21 24.51 -26.68
N TRP B 397 21.00 24.44 -26.14
CA TRP B 397 20.81 24.18 -24.73
C TRP B 397 20.74 22.68 -24.52
N PRO B 398 21.46 22.10 -23.55
CA PRO B 398 21.18 20.73 -23.16
C PRO B 398 19.99 20.67 -22.21
N VAL B 399 19.54 19.45 -21.93
CA VAL B 399 18.34 19.24 -21.12
C VAL B 399 18.44 17.90 -20.41
N LEU B 400 18.07 17.89 -19.14
CA LEU B 400 18.03 16.68 -18.32
C LEU B 400 16.58 16.22 -18.18
N THR B 401 16.30 14.99 -18.59
CA THR B 401 14.92 14.54 -18.76
C THR B 401 14.78 13.07 -18.40
N GLY B 402 13.82 12.76 -17.53
CA GLY B 402 13.39 11.39 -17.30
C GLY B 402 13.63 10.96 -15.85
N GLY B 403 13.33 9.69 -15.61
CA GLY B 403 13.61 9.04 -14.33
C GLY B 403 12.34 8.68 -13.59
N ALA B 404 12.41 7.61 -12.80
CA ALA B 404 11.28 7.14 -12.01
C ALA B 404 11.76 6.20 -10.93
N VAL B 405 11.13 6.29 -9.75
CA VAL B 405 11.30 5.34 -8.66
C VAL B 405 9.92 5.02 -8.10
N SER B 406 9.87 3.96 -7.30
CA SER B 406 8.66 3.59 -6.56
C SER B 406 8.98 3.52 -5.08
N LEU B 407 7.98 3.77 -4.24
CA LEU B 407 8.17 3.92 -2.80
C LEU B 407 7.43 2.80 -2.09
N HIS B 408 8.15 2.05 -1.27
CA HIS B 408 7.60 0.95 -0.50
C HIS B 408 7.86 1.17 0.97
N SER B 409 6.90 0.78 1.82
CA SER B 409 6.89 1.22 3.20
C SER B 409 7.91 0.48 4.05
N ALA B 410 8.17 1.03 5.22
CA ALA B 410 9.09 0.52 6.22
C ALA B 410 8.55 0.91 7.59
N GLY B 411 9.38 0.88 8.60
CA GLY B 411 8.90 1.11 9.97
C GLY B 411 8.52 2.54 10.25
N VAL B 412 8.10 2.77 11.49
CA VAL B 412 7.68 4.07 11.98
C VAL B 412 8.51 4.41 13.22
N THR B 413 8.93 5.67 13.33
CA THR B 413 9.75 6.11 14.45
C THR B 413 9.08 7.28 15.17
N LEU B 414 8.98 7.17 16.49
CA LEU B 414 8.54 8.26 17.36
C LEU B 414 9.72 8.78 18.15
N SER B 415 9.91 10.10 18.14
CA SER B 415 11.03 10.73 18.83
C SER B 415 10.55 11.98 19.54
N THR B 416 10.95 12.15 20.80
CA THR B 416 10.65 13.34 21.57
C THR B 416 11.93 14.05 21.96
N GLN B 417 11.84 15.36 22.15
CA GLN B 417 13.02 16.22 22.34
C GLN B 417 12.84 17.05 23.60
N PHE B 418 13.78 16.93 24.53
CA PHE B 418 13.65 17.55 25.84
C PHE B 418 14.56 18.78 25.92
N THR B 419 13.99 19.92 25.54
CA THR B 419 14.63 21.20 25.79
C THR B 419 14.12 21.77 27.10
N ASP B 420 14.47 23.04 27.37
CA ASP B 420 14.10 23.65 28.64
C ASP B 420 12.63 24.07 28.65
N PHE B 421 12.17 24.68 27.55
CA PHE B 421 10.83 25.27 27.49
C PHE B 421 9.69 24.27 27.58
N VAL B 422 9.56 23.39 26.58
CA VAL B 422 8.46 22.45 26.51
C VAL B 422 8.88 21.32 25.58
N SER B 423 8.36 20.12 25.82
CA SER B 423 8.73 18.98 24.99
C SER B 423 8.09 19.10 23.61
N LEU B 424 8.84 18.69 22.59
CA LEU B 424 8.39 18.70 21.22
C LEU B 424 8.70 17.35 20.61
N ASN B 425 7.67 16.67 20.12
CA ASN B 425 7.84 15.35 19.53
C ASN B 425 7.27 15.30 18.12
N SER B 426 7.73 14.30 17.38
CA SER B 426 7.41 14.17 15.96
C SER B 426 7.35 12.69 15.60
N LEU B 427 6.62 12.38 14.53
CA LEU B 427 6.44 11.01 14.07
C LEU B 427 6.92 10.92 12.63
N ARG B 428 7.51 9.76 12.29
CA ARG B 428 8.33 9.64 11.08
C ARG B 428 7.94 8.36 10.35
N PHE B 429 7.69 8.47 9.05
CA PHE B 429 7.50 7.30 8.21
C PHE B 429 8.70 7.08 7.30
N ARG B 430 9.17 5.84 7.20
CA ARG B 430 10.33 5.49 6.40
C ARG B 430 9.87 4.71 5.17
N PHE B 431 10.57 4.89 4.06
CA PHE B 431 10.20 4.28 2.80
C PHE B 431 11.43 3.76 2.06
N ARG B 432 11.27 2.60 1.44
CA ARG B 432 12.31 1.93 0.68
C ARG B 432 12.03 2.11 -0.80
N LEU B 433 13.09 2.29 -1.59
CA LEU B 433 12.95 2.63 -2.99
C LEU B 433 13.32 1.46 -3.89
N ALA B 434 12.84 1.51 -5.13
CA ALA B 434 13.09 0.50 -6.15
C ALA B 434 12.94 1.15 -7.51
N VAL B 435 13.98 1.06 -8.33
CA VAL B 435 14.05 1.85 -9.56
C VAL B 435 13.13 1.25 -10.62
N GLU B 436 12.54 2.14 -11.41
CA GLU B 436 11.55 1.76 -12.42
C GLU B 436 11.96 2.39 -13.74
N GLU B 437 11.18 2.11 -14.77
CA GLU B 437 11.38 2.73 -16.06
C GLU B 437 10.46 3.94 -16.22
N PRO B 438 10.85 4.94 -17.03
CA PRO B 438 11.99 5.12 -17.94
C PRO B 438 13.28 5.55 -17.26
N HIS B 439 14.38 5.40 -17.99
CA HIS B 439 15.68 5.90 -17.59
C HIS B 439 15.74 7.41 -17.77
N PHE B 440 16.75 8.04 -17.17
CA PHE B 440 16.99 9.45 -17.39
C PHE B 440 18.26 9.62 -18.21
N LYS B 441 18.32 10.74 -18.91
CA LYS B 441 19.47 11.06 -19.74
C LYS B 441 19.68 12.56 -19.72
N LEU B 442 20.91 12.95 -20.01
CA LEU B 442 21.26 14.33 -20.29
C LEU B 442 21.63 14.39 -21.76
N THR B 443 21.16 15.41 -22.46
CA THR B 443 21.48 15.47 -23.87
C THR B 443 22.82 16.17 -24.08
N ARG B 444 23.34 16.03 -25.30
CA ARG B 444 24.57 16.68 -25.77
C ARG B 444 25.78 16.29 -24.93
N THR B 445 25.79 15.06 -24.47
CA THR B 445 26.86 14.56 -23.61
C THR B 445 26.98 13.05 -23.76
N ARG B 446 27.74 12.42 -22.86
CA ARG B 446 28.01 11.00 -22.94
C ARG B 446 27.51 10.21 -21.73
N LEU B 447 26.54 10.75 -20.98
CA LEU B 447 26.00 10.00 -19.85
C LEU B 447 25.06 8.90 -20.33
N SER B 448 25.35 7.68 -19.91
CA SER B 448 24.85 6.49 -20.60
C SER B 448 23.61 5.91 -19.93
N ARG B 449 22.54 6.71 -19.92
CA ARG B 449 21.15 6.26 -19.72
C ARG B 449 20.96 5.56 -18.36
N LEU B 450 21.12 6.31 -17.29
CA LEU B 450 21.17 5.70 -15.97
C LEU B 450 19.76 5.60 -15.38
N TYR B 451 19.66 5.02 -14.19
CA TYR B 451 18.40 4.80 -13.50
C TYR B 451 18.40 5.58 -12.20
N GLY B 452 17.22 5.97 -11.74
CA GLY B 452 17.10 6.75 -10.53
C GLY B 452 16.21 7.95 -10.77
N LEU B 453 16.07 8.78 -9.75
CA LEU B 453 15.27 9.99 -9.86
C LEU B 453 16.09 11.21 -9.49
N PRO B 454 16.50 12.04 -10.45
CA PRO B 454 17.34 13.20 -10.11
C PRO B 454 16.54 14.35 -9.54
N ALA B 455 17.25 15.38 -9.10
CA ALA B 455 16.64 16.54 -8.46
C ALA B 455 16.46 17.72 -9.40
N ALA B 456 16.21 17.49 -10.69
CA ALA B 456 16.04 18.60 -11.61
C ALA B 456 14.60 19.10 -11.60
N ASN B 457 13.65 18.21 -11.88
CA ASN B 457 12.21 18.52 -11.80
C ASN B 457 11.53 17.32 -11.18
N PRO B 458 11.57 17.22 -9.84
CA PRO B 458 11.26 15.93 -9.21
C PRO B 458 9.78 15.61 -9.13
N ASN B 459 8.90 16.61 -9.04
CA ASN B 459 7.49 16.32 -8.84
C ASN B 459 6.61 16.66 -10.04
N ASN B 460 7.21 17.04 -11.17
CA ASN B 460 6.64 16.91 -12.51
C ASN B 460 5.37 17.75 -12.69
N GLY B 461 5.38 18.95 -12.13
CA GLY B 461 4.29 19.88 -12.32
C GLY B 461 2.99 19.50 -11.66
N LYS B 462 3.01 18.61 -10.68
CA LYS B 462 1.81 18.15 -10.00
C LYS B 462 1.68 18.86 -8.66
N GLU B 463 0.47 18.87 -8.10
CA GLU B 463 0.24 19.58 -6.86
C GLU B 463 0.75 18.77 -5.67
N TYR B 464 0.58 17.46 -5.70
CA TYR B 464 1.00 16.59 -4.60
C TYR B 464 1.18 15.17 -5.10
N TYR B 465 1.78 14.33 -4.25
CA TYR B 465 1.66 12.88 -4.34
C TYR B 465 0.74 12.41 -3.24
N GLU B 466 0.32 11.15 -3.29
CA GLU B 466 -0.63 10.66 -2.32
C GLU B 466 -0.43 9.18 -2.03
N ILE B 467 -0.38 8.85 -0.74
CA ILE B 467 -0.38 7.48 -0.26
C ILE B 467 -1.54 7.33 0.71
N ALA B 468 -2.36 6.29 0.52
CA ALA B 468 -3.49 6.02 1.40
C ALA B 468 -3.31 4.65 2.05
N GLY B 469 -3.79 4.52 3.28
CA GLY B 469 -3.64 3.27 4.02
C GLY B 469 -4.46 3.19 5.27
N ARG B 470 -3.89 2.61 6.33
CA ARG B 470 -4.55 2.41 7.62
C ARG B 470 -3.50 2.00 8.64
N PHE B 471 -3.60 2.55 9.85
CA PHE B 471 -2.64 2.21 10.89
C PHE B 471 -3.34 1.59 12.09
N SER B 472 -2.54 1.27 13.11
CA SER B 472 -3.01 0.54 14.28
C SER B 472 -2.10 0.90 15.45
N LEU B 473 -2.66 1.53 16.47
CA LEU B 473 -1.87 2.10 17.56
C LEU B 473 -2.35 1.54 18.89
N ILE B 474 -1.40 1.15 19.73
CA ILE B 474 -1.66 0.72 21.10
C ILE B 474 -0.85 1.64 22.01
N SER B 475 -1.50 2.20 23.02
CA SER B 475 -0.84 3.19 23.87
C SER B 475 -1.39 3.10 25.29
N LEU B 476 -0.64 3.67 26.23
CA LEU B 476 -0.99 3.66 27.64
C LEU B 476 -1.63 5.01 27.98
N VAL B 477 -2.90 4.98 28.35
CA VAL B 477 -3.68 6.18 28.60
C VAL B 477 -4.10 6.17 30.07
N PRO B 478 -4.32 7.35 30.67
CA PRO B 478 -4.80 7.38 32.04
C PRO B 478 -6.26 6.94 32.15
N SER B 479 -6.62 6.47 33.34
CA SER B 479 -7.97 6.00 33.59
C SER B 479 -8.50 6.53 34.91
N SER C 287 7.50 -23.15 26.09
CA SER C 287 6.37 -23.89 25.55
C SER C 287 5.46 -23.01 24.67
N GLY C 288 5.57 -23.19 23.35
CA GLY C 288 4.91 -22.33 22.39
C GLY C 288 5.88 -21.66 21.44
N GLY C 289 5.32 -20.88 20.51
CA GLY C 289 6.13 -20.19 19.53
C GLY C 289 6.70 -18.88 20.03
N LEU C 290 7.80 -18.46 19.38
CA LEU C 290 8.55 -17.22 19.59
C LEU C 290 9.30 -17.12 20.92
N GLY C 291 9.15 -18.12 21.79
CA GLY C 291 9.94 -18.24 23.00
C GLY C 291 9.76 -17.18 24.06
N TYR C 292 8.52 -16.75 24.31
CA TYR C 292 8.22 -15.86 25.42
C TYR C 292 7.34 -16.50 26.48
N LYS C 293 6.59 -17.54 26.13
CA LYS C 293 5.49 -18.01 26.94
C LYS C 293 5.70 -19.46 27.40
N ASN C 332 0.61 -13.61 33.88
CA ASN C 332 -0.06 -13.02 32.73
C ASN C 332 0.45 -11.60 32.52
N GLY C 333 1.36 -11.43 31.57
CA GLY C 333 1.85 -10.12 31.24
C GLY C 333 1.03 -9.38 30.22
N GLY C 334 0.08 -10.04 29.58
CA GLY C 334 -0.74 -9.49 28.53
C GLY C 334 -0.99 -10.53 27.48
N SER C 335 -1.65 -10.12 26.40
CA SER C 335 -1.91 -11.01 25.27
C SER C 335 -1.43 -10.31 24.01
N LEU C 336 -0.13 -10.39 23.77
CA LEU C 336 0.56 -9.96 22.57
C LEU C 336 1.51 -11.09 22.22
N PRO C 337 2.14 -11.07 21.04
CA PRO C 337 3.19 -12.08 20.81
C PRO C 337 4.38 -11.95 21.76
N THR C 338 4.95 -10.75 21.87
CA THR C 338 6.19 -10.56 22.61
C THR C 338 5.90 -9.99 23.99
N ASP C 339 5.32 -10.83 24.86
CA ASP C 339 5.24 -10.49 26.27
C ASP C 339 5.33 -11.74 27.13
N PHE C 340 5.86 -11.58 28.33
CA PHE C 340 6.21 -12.71 29.18
C PHE C 340 4.99 -13.19 29.94
N VAL C 341 4.66 -14.47 29.81
CA VAL C 341 3.50 -15.04 30.47
C VAL C 341 3.91 -16.09 31.48
N LEU C 392 14.29 -15.57 27.15
CA LEU C 392 13.66 -14.61 26.23
C LEU C 392 14.65 -14.21 25.15
N PRO C 393 14.17 -14.07 23.91
CA PRO C 393 15.09 -13.73 22.82
C PRO C 393 15.55 -12.28 22.84
N VAL C 394 14.65 -11.34 23.10
CA VAL C 394 15.00 -9.92 23.19
C VAL C 394 14.64 -9.42 24.57
N GLY C 395 15.60 -8.83 25.28
CA GLY C 395 15.29 -8.20 26.54
C GLY C 395 16.30 -8.56 27.60
N GLN C 396 15.87 -8.47 28.86
CA GLN C 396 16.74 -8.71 29.99
C GLN C 396 16.50 -10.10 30.58
N VAL D 2 3.58 -21.81 -0.35
CA VAL D 2 2.54 -21.05 0.34
C VAL D 2 1.13 -21.50 -0.09
N GLN D 3 0.35 -21.97 0.89
CA GLN D 3 -0.97 -22.52 0.64
C GLN D 3 -1.92 -22.10 1.75
N LEU D 4 -3.22 -22.19 1.46
CA LEU D 4 -4.27 -21.99 2.46
C LEU D 4 -5.33 -23.06 2.24
N LYS D 5 -5.79 -23.68 3.34
CA LYS D 5 -6.68 -24.83 3.27
C LYS D 5 -7.84 -24.66 4.23
N GLU D 6 -9.06 -24.78 3.72
CA GLU D 6 -10.27 -24.64 4.50
C GLU D 6 -10.80 -26.01 4.92
N SER D 7 -11.67 -26.00 5.94
CA SER D 7 -12.34 -27.19 6.42
C SER D 7 -13.55 -26.77 7.22
N GLY D 8 -14.66 -27.44 7.00
CA GLY D 8 -15.88 -27.13 7.71
C GLY D 8 -16.91 -28.25 7.64
N PRO D 9 -18.05 -28.06 8.30
CA PRO D 9 -19.10 -29.10 8.28
C PRO D 9 -19.77 -29.31 6.93
N GLY D 10 -20.25 -28.23 6.30
CA GLY D 10 -20.91 -28.35 5.02
C GLY D 10 -22.42 -28.24 5.07
N LEU D 11 -23.03 -28.74 6.14
CA LEU D 11 -24.47 -28.73 6.31
C LEU D 11 -24.81 -28.34 7.75
N VAL D 12 -25.83 -27.50 7.92
CA VAL D 12 -26.20 -26.99 9.23
C VAL D 12 -27.67 -26.58 9.19
N ALA D 13 -28.34 -26.71 10.35
CA ALA D 13 -29.71 -26.28 10.60
C ALA D 13 -29.75 -24.78 10.84
N PRO D 14 -30.88 -24.11 10.56
CA PRO D 14 -30.96 -22.67 10.84
C PRO D 14 -30.95 -22.37 12.34
N SER D 15 -30.58 -21.12 12.65
CA SER D 15 -30.41 -20.60 14.01
C SER D 15 -29.44 -21.47 14.83
N GLN D 16 -28.29 -21.78 14.23
CA GLN D 16 -27.26 -22.58 14.86
C GLN D 16 -25.90 -21.89 14.75
N SER D 17 -24.84 -22.59 15.11
CA SER D 17 -23.49 -22.04 15.06
C SER D 17 -22.76 -22.49 13.79
N LEU D 18 -21.52 -22.02 13.64
CA LEU D 18 -20.68 -22.35 12.50
C LEU D 18 -19.22 -22.20 12.92
N SER D 19 -18.37 -23.12 12.48
CA SER D 19 -16.97 -23.10 12.84
C SER D 19 -16.13 -23.60 11.68
N ILE D 20 -15.25 -22.75 11.16
CA ILE D 20 -14.42 -23.05 9.99
C ILE D 20 -12.98 -22.74 10.35
N THR D 21 -12.07 -23.64 9.99
CA THR D 21 -10.64 -23.48 10.25
C THR D 21 -9.89 -23.35 8.93
N CYS D 22 -9.15 -22.26 8.78
CA CYS D 22 -8.27 -22.04 7.63
C CYS D 22 -6.85 -22.37 8.07
N THR D 23 -6.32 -23.49 7.58
CA THR D 23 -4.95 -23.92 7.90
C THR D 23 -3.98 -23.37 6.87
N VAL D 24 -2.99 -22.62 7.33
CA VAL D 24 -2.03 -21.98 6.46
C VAL D 24 -0.70 -22.75 6.51
N SER D 25 0.12 -22.53 5.49
CA SER D 25 1.43 -23.16 5.40
C SER D 25 2.31 -22.31 4.49
N GLY D 26 3.62 -22.41 4.69
CA GLY D 26 4.57 -21.68 3.87
C GLY D 26 4.94 -20.31 4.35
N PHE D 27 4.22 -19.75 5.32
CA PHE D 27 4.56 -18.46 5.90
C PHE D 27 4.17 -18.48 7.37
N SER D 28 4.40 -17.37 8.05
CA SER D 28 4.11 -17.24 9.47
C SER D 28 2.95 -16.28 9.69
N LEU D 29 2.20 -16.51 10.77
CA LEU D 29 1.06 -15.68 11.10
C LEU D 29 1.43 -14.47 11.94
N SER D 30 2.71 -14.27 12.23
CA SER D 30 3.17 -13.08 12.94
C SER D 30 3.80 -12.05 12.02
N ARG D 31 3.82 -12.32 10.71
CA ARG D 31 4.36 -11.37 9.74
C ARG D 31 3.34 -10.98 8.68
N TYR D 32 2.34 -11.83 8.41
CA TYR D 32 1.34 -11.58 7.39
C TYR D 32 -0.03 -11.53 8.04
N SER D 33 -1.01 -11.05 7.28
CA SER D 33 -2.38 -10.92 7.75
C SER D 33 -3.33 -11.56 6.76
N VAL D 34 -4.45 -12.08 7.28
CA VAL D 34 -5.33 -12.99 6.57
C VAL D 34 -6.72 -12.37 6.49
N HIS D 35 -7.37 -12.52 5.33
CA HIS D 35 -8.73 -12.05 5.09
C HIS D 35 -9.71 -13.21 5.07
N TRP D 36 -11.01 -12.86 5.16
CA TRP D 36 -12.12 -13.79 4.96
C TRP D 36 -13.14 -13.12 4.06
N VAL D 37 -13.55 -13.80 2.99
CA VAL D 37 -14.56 -13.30 2.07
C VAL D 37 -15.56 -14.41 1.78
N ARG D 38 -16.70 -14.03 1.19
CA ARG D 38 -17.72 -15.01 0.82
C ARG D 38 -18.34 -14.62 -0.51
N GLN D 39 -19.04 -15.59 -1.11
CA GLN D 39 -19.77 -15.36 -2.36
C GLN D 39 -21.07 -16.16 -2.32
N PRO D 40 -22.23 -15.51 -2.24
CA PRO D 40 -23.48 -16.24 -2.32
C PRO D 40 -23.74 -16.72 -3.74
N PRO D 41 -24.69 -17.64 -3.92
CA PRO D 41 -25.07 -18.03 -5.29
C PRO D 41 -25.74 -16.89 -6.04
N GLY D 42 -25.18 -16.57 -7.20
CA GLY D 42 -25.72 -15.50 -8.03
C GLY D 42 -25.44 -14.10 -7.52
N LYS D 43 -24.43 -13.97 -6.65
CA LYS D 43 -24.08 -12.67 -6.12
C LYS D 43 -22.59 -12.42 -6.30
N GLY D 44 -22.19 -11.17 -6.10
CA GLY D 44 -20.79 -10.82 -6.11
C GLY D 44 -20.11 -11.16 -4.81
N LEU D 45 -18.80 -10.96 -4.79
CA LEU D 45 -17.99 -11.26 -3.63
C LEU D 45 -18.22 -10.19 -2.57
N GLU D 46 -18.24 -10.61 -1.30
CA GLU D 46 -18.41 -9.68 -0.20
C GLU D 46 -17.32 -9.89 0.83
N TRP D 47 -17.04 -8.83 1.59
CA TRP D 47 -15.95 -8.85 2.56
C TRP D 47 -16.49 -9.12 3.95
N LEU D 48 -15.78 -9.94 4.71
CA LEU D 48 -16.19 -10.29 6.07
C LEU D 48 -15.30 -9.70 7.14
N GLY D 49 -14.00 -9.98 7.12
CA GLY D 49 -13.15 -9.54 8.21
C GLY D 49 -11.69 -9.63 7.86
N MET D 50 -10.86 -9.35 8.87
CA MET D 50 -9.41 -9.29 8.74
C MET D 50 -8.80 -9.33 10.13
N ILE D 51 -7.79 -10.16 10.32
CA ILE D 51 -7.00 -10.18 11.54
C ILE D 51 -5.59 -9.70 11.19
N TRP D 52 -5.02 -8.87 12.05
CA TRP D 52 -3.72 -8.26 11.82
C TRP D 52 -2.59 -9.23 12.17
N ASN D 53 -1.37 -8.68 12.23
CA ASN D 53 -0.21 -9.49 12.58
C ASN D 53 -0.26 -9.91 14.05
N GLY D 54 -0.30 -8.94 14.95
CA GLY D 54 -0.69 -9.22 16.33
C GLY D 54 -2.19 -9.36 16.36
N GLY D 55 -2.69 -10.02 17.40
CA GLY D 55 -4.11 -10.33 17.48
C GLY D 55 -5.00 -9.11 17.63
N SER D 56 -5.62 -8.70 16.53
CA SER D 56 -6.55 -7.58 16.48
C SER D 56 -7.35 -7.65 15.19
N THR D 57 -8.65 -7.37 15.26
CA THR D 57 -9.56 -7.68 14.17
C THR D 57 -10.30 -6.44 13.69
N ASP D 58 -10.64 -6.44 12.39
CA ASP D 58 -11.54 -5.46 11.81
C ASP D 58 -12.72 -6.19 11.19
N TYR D 59 -13.92 -5.66 11.41
CA TYR D 59 -15.15 -6.38 11.10
C TYR D 59 -15.99 -5.56 10.13
N ASN D 60 -16.92 -6.26 9.47
CA ASN D 60 -17.92 -5.61 8.64
C ASN D 60 -19.01 -5.05 9.53
N SER D 61 -19.62 -3.94 9.11
CA SER D 61 -20.54 -3.23 9.97
C SER D 61 -21.87 -3.94 10.10
N ALA D 62 -22.33 -4.60 9.04
CA ALA D 62 -23.62 -5.26 9.08
C ALA D 62 -23.56 -6.55 9.90
N LEU D 63 -22.49 -7.32 9.72
CA LEU D 63 -22.30 -8.58 10.43
C LEU D 63 -21.39 -8.43 11.64
N LYS D 64 -21.44 -7.28 12.33
CA LYS D 64 -20.52 -7.04 13.43
C LYS D 64 -20.92 -7.83 14.67
N SER D 65 -22.23 -7.93 14.94
CA SER D 65 -22.70 -8.57 16.16
C SER D 65 -22.90 -10.07 16.01
N ARG D 66 -22.25 -10.71 15.04
CA ARG D 66 -22.38 -12.15 14.87
C ARG D 66 -21.05 -12.89 14.82
N LEU D 67 -20.02 -12.34 14.19
CA LEU D 67 -18.83 -13.11 13.87
C LEU D 67 -17.63 -12.66 14.71
N SER D 68 -16.66 -13.56 14.81
CA SER D 68 -15.45 -13.33 15.57
C SER D 68 -14.32 -14.14 14.95
N ILE D 69 -13.16 -13.51 14.79
CA ILE D 69 -12.01 -14.11 14.14
C ILE D 69 -10.86 -14.16 15.14
N SER D 70 -10.21 -15.31 15.23
CA SER D 70 -9.03 -15.46 16.07
C SER D 70 -8.08 -16.44 15.39
N LYS D 71 -6.88 -16.56 15.94
CA LYS D 71 -5.86 -17.36 15.30
C LYS D 71 -5.00 -18.04 16.36
N ASP D 72 -4.24 -19.04 15.90
CA ASP D 72 -3.29 -19.77 16.73
C ASP D 72 -1.94 -19.69 16.04
N ASN D 73 -0.92 -19.26 16.77
CA ASN D 73 0.37 -18.96 16.14
C ASN D 73 1.31 -20.15 16.15
N SER D 74 1.26 -20.98 17.20
CA SER D 74 2.14 -22.14 17.29
C SER D 74 1.70 -23.21 16.29
N GLN D 75 0.49 -23.73 16.47
CA GLN D 75 -0.15 -24.52 15.43
C GLN D 75 -0.79 -23.55 14.45
N SER D 76 -0.19 -23.40 13.27
CA SER D 76 -0.51 -22.31 12.37
C SER D 76 -1.89 -22.46 11.74
N GLN D 77 -2.89 -21.83 12.35
CA GLN D 77 -4.25 -21.89 11.84
C GLN D 77 -5.01 -20.65 12.29
N VAL D 78 -6.03 -20.31 11.50
CA VAL D 78 -6.95 -19.22 11.80
C VAL D 78 -8.35 -19.80 11.73
N PHE D 79 -9.16 -19.48 12.73
CA PHE D 79 -10.51 -20.04 12.75
C PHE D 79 -11.54 -18.90 12.80
N LEU D 80 -12.74 -19.22 12.32
CA LEU D 80 -13.85 -18.28 12.25
C LEU D 80 -15.09 -18.90 12.88
N LYS D 81 -15.88 -18.05 13.53
CA LYS D 81 -17.16 -18.45 14.11
C LYS D 81 -18.23 -17.48 13.64
N LEU D 82 -19.43 -18.00 13.43
CA LEU D 82 -20.58 -17.20 13.00
C LEU D 82 -21.84 -17.85 13.54
N ASN D 83 -22.59 -17.13 14.37
CA ASN D 83 -23.76 -17.68 15.03
C ASN D 83 -25.02 -17.00 14.54
N SER D 84 -26.17 -17.60 14.91
CA SER D 84 -27.51 -17.17 14.52
C SER D 84 -27.66 -17.08 13.00
N LEU D 85 -27.36 -18.18 12.32
CA LEU D 85 -27.36 -18.19 10.87
C LEU D 85 -28.76 -18.47 10.33
N GLN D 86 -29.04 -17.90 9.16
CA GLN D 86 -30.36 -17.98 8.53
C GLN D 86 -30.20 -18.55 7.13
N THR D 87 -31.28 -18.47 6.35
CA THR D 87 -31.28 -19.04 5.01
C THR D 87 -30.60 -18.10 4.01
N ASP D 88 -30.31 -16.88 4.42
CA ASP D 88 -29.60 -15.94 3.56
C ASP D 88 -28.09 -16.18 3.58
N ASP D 89 -27.57 -16.81 4.64
CA ASP D 89 -26.13 -16.93 4.82
C ASP D 89 -25.52 -18.07 4.03
N ALA D 90 -26.26 -18.71 3.14
CA ALA D 90 -25.73 -19.82 2.35
C ALA D 90 -24.81 -19.30 1.27
N ALA D 91 -23.53 -19.64 1.37
CA ALA D 91 -22.51 -19.12 0.46
C ALA D 91 -21.28 -20.02 0.46
N ILE D 92 -20.24 -19.59 -0.26
CA ILE D 92 -18.96 -20.29 -0.28
C ILE D 92 -17.93 -19.38 0.37
N TYR D 93 -17.27 -19.87 1.42
CA TYR D 93 -16.39 -19.02 2.22
C TYR D 93 -14.94 -19.29 1.82
N TYR D 94 -14.14 -18.21 1.75
CA TYR D 94 -12.75 -18.27 1.35
C TYR D 94 -11.89 -17.70 2.47
N CYS D 95 -10.60 -17.98 2.40
CA CYS D 95 -9.61 -17.29 3.23
C CYS D 95 -8.41 -16.92 2.35
N ALA D 96 -8.01 -15.66 2.42
CA ALA D 96 -6.99 -15.12 1.53
C ALA D 96 -5.94 -14.38 2.35
N ARG D 97 -4.83 -14.05 1.71
CA ARG D 97 -3.73 -13.38 2.37
C ARG D 97 -3.55 -11.96 1.82
N ASN D 98 -3.37 -11.01 2.74
CA ASN D 98 -3.13 -9.62 2.42
C ASN D 98 -1.68 -9.45 1.97
N SER D 99 -1.49 -8.61 0.95
CA SER D 99 -0.16 -8.28 0.46
C SER D 99 0.20 -6.81 0.65
N GLY D 100 -0.61 -5.90 0.14
CA GLY D 100 -0.32 -4.48 0.28
C GLY D 100 -1.19 -3.82 1.32
N PHE D 101 -2.09 -2.94 0.89
CA PHE D 101 -3.10 -2.44 1.79
C PHE D 101 -4.30 -3.38 1.86
N ASP D 102 -5.00 -3.57 0.74
CA ASP D 102 -6.13 -4.49 0.71
C ASP D 102 -6.09 -5.44 -0.48
N LEU D 103 -4.92 -5.69 -1.05
CA LEU D 103 -4.83 -6.60 -2.18
C LEU D 103 -4.81 -8.04 -1.70
N PHE D 104 -5.61 -8.88 -2.35
CA PHE D 104 -5.80 -10.26 -1.94
C PHE D 104 -4.87 -11.13 -2.79
N ASP D 105 -3.76 -11.56 -2.20
CA ASP D 105 -2.64 -12.10 -2.96
C ASP D 105 -2.80 -13.57 -3.29
N PHE D 106 -2.86 -14.44 -2.29
CA PHE D 106 -3.11 -15.85 -2.47
C PHE D 106 -4.50 -16.17 -1.95
N TRP D 107 -5.11 -17.21 -2.51
CA TRP D 107 -6.49 -17.55 -2.20
C TRP D 107 -6.60 -18.99 -1.71
N GLY D 108 -7.69 -19.27 -1.01
CA GLY D 108 -7.94 -20.61 -0.50
C GLY D 108 -8.77 -21.44 -1.46
N GLN D 109 -8.99 -22.70 -1.07
CA GLN D 109 -9.75 -23.60 -1.91
C GLN D 109 -11.25 -23.33 -1.83
N GLY D 110 -11.76 -23.14 -0.62
CA GLY D 110 -13.14 -22.74 -0.45
C GLY D 110 -14.09 -23.88 -0.13
N THR D 111 -14.82 -23.74 0.97
CA THR D 111 -15.85 -24.70 1.34
C THR D 111 -17.23 -24.05 1.20
N THR D 112 -18.23 -24.88 0.97
CA THR D 112 -19.59 -24.40 0.76
C THR D 112 -20.47 -24.74 1.96
N LEU D 113 -21.48 -23.92 2.18
CA LEU D 113 -22.36 -24.03 3.34
C LEU D 113 -23.79 -24.17 2.87
N THR D 114 -24.47 -25.20 3.36
CA THR D 114 -25.82 -25.53 2.95
C THR D 114 -26.74 -25.42 4.16
N VAL D 115 -27.81 -24.66 4.02
CA VAL D 115 -28.74 -24.46 5.13
C VAL D 115 -30.17 -24.58 4.65
N ASP E 1 -17.85 2.72 2.00
CA ASP E 1 -18.89 1.98 1.31
C ASP E 1 -19.08 2.57 -0.09
N ILE E 2 -17.98 2.62 -0.84
CA ILE E 2 -18.01 3.15 -2.19
C ILE E 2 -18.56 2.08 -3.12
N VAL E 3 -19.63 2.41 -3.84
CA VAL E 3 -20.29 1.44 -4.71
C VAL E 3 -19.57 1.39 -6.03
N MET E 4 -19.25 0.18 -6.48
CA MET E 4 -18.54 -0.07 -7.72
C MET E 4 -19.43 -0.87 -8.66
N THR E 5 -19.86 -0.25 -9.75
CA THR E 5 -20.86 -0.83 -10.63
C THR E 5 -20.27 -1.19 -11.99
N GLN E 6 -20.63 -2.37 -12.50
CA GLN E 6 -20.24 -2.81 -13.83
C GLN E 6 -21.46 -2.77 -14.73
N SER E 7 -21.27 -2.33 -15.98
CA SER E 7 -22.41 -2.04 -16.83
C SER E 7 -22.96 -3.30 -17.49
N HIS E 8 -22.08 -4.16 -18.01
CA HIS E 8 -22.51 -5.32 -18.77
C HIS E 8 -22.30 -6.58 -17.94
N LYS E 9 -22.99 -7.64 -18.33
CA LYS E 9 -22.84 -8.94 -17.70
C LYS E 9 -22.28 -10.00 -18.65
N PHE E 10 -22.23 -9.71 -19.94
CA PHE E 10 -21.72 -10.67 -20.91
C PHE E 10 -20.97 -9.94 -22.02
N MET E 11 -19.92 -10.56 -22.52
CA MET E 11 -19.18 -10.10 -23.68
C MET E 11 -18.97 -11.27 -24.63
N SER E 12 -18.82 -10.96 -25.92
CA SER E 12 -18.63 -11.99 -26.93
C SER E 12 -17.48 -11.59 -27.85
N THR E 13 -16.72 -12.60 -28.29
CA THR E 13 -15.52 -12.34 -29.08
C THR E 13 -15.10 -13.56 -29.90
N SER E 14 -14.21 -13.35 -30.87
CA SER E 14 -13.70 -14.40 -31.75
C SER E 14 -12.41 -15.01 -31.20
N VAL E 15 -11.73 -15.79 -32.05
CA VAL E 15 -10.57 -16.54 -31.60
C VAL E 15 -9.36 -15.62 -31.45
N GLY E 16 -9.37 -14.48 -32.11
CA GLY E 16 -8.42 -13.42 -31.83
C GLY E 16 -9.03 -12.07 -32.10
N ASP E 17 -9.10 -11.22 -31.07
CA ASP E 17 -9.77 -9.93 -31.16
C ASP E 17 -9.38 -9.16 -29.90
N ARG E 18 -9.84 -7.91 -29.82
CA ARG E 18 -9.66 -7.09 -28.62
C ARG E 18 -10.93 -7.09 -27.80
N VAL E 19 -10.76 -7.05 -26.47
CA VAL E 19 -11.86 -7.10 -25.51
C VAL E 19 -11.79 -5.84 -24.66
N SER E 20 -12.94 -5.28 -24.32
CA SER E 20 -12.98 -4.10 -23.46
C SER E 20 -14.03 -4.27 -22.38
N ILE E 21 -13.61 -4.12 -21.12
CA ILE E 21 -14.46 -4.25 -19.96
C ILE E 21 -14.25 -3.01 -19.08
N THR E 22 -15.34 -2.42 -18.61
CA THR E 22 -15.26 -1.19 -17.83
C THR E 22 -16.08 -1.30 -16.55
N CYS E 23 -15.75 -0.43 -15.58
CA CYS E 23 -16.56 -0.26 -14.37
C CYS E 23 -16.33 1.13 -13.80
N LYS E 24 -17.36 1.66 -13.14
CA LYS E 24 -17.35 3.01 -12.57
C LYS E 24 -17.45 2.95 -11.06
N ALA E 25 -16.85 3.94 -10.41
CA ALA E 25 -16.92 4.09 -8.96
C ALA E 25 -17.85 5.23 -8.60
N SER E 26 -18.41 5.17 -7.39
CA SER E 26 -19.37 6.18 -6.97
C SER E 26 -18.67 7.49 -6.61
N GLN E 27 -17.63 7.42 -5.80
CA GLN E 27 -16.83 8.58 -5.46
C GLN E 27 -15.52 8.57 -6.24
N ASP E 28 -14.64 9.51 -5.89
CA ASP E 28 -13.36 9.63 -6.59
C ASP E 28 -12.30 8.77 -5.92
N VAL E 29 -11.87 7.73 -6.61
CA VAL E 29 -10.84 6.82 -6.13
C VAL E 29 -9.58 7.07 -6.94
N THR E 30 -8.55 7.56 -6.25
CA THR E 30 -7.33 8.07 -6.91
C THR E 30 -6.49 6.87 -7.31
N SER E 31 -6.85 6.26 -8.45
CA SER E 31 -6.03 5.26 -9.15
C SER E 31 -5.75 4.03 -8.30
N ALA E 32 -6.78 3.50 -7.64
CA ALA E 32 -6.64 2.32 -6.80
C ALA E 32 -7.75 1.32 -7.15
N VAL E 33 -7.51 0.50 -8.18
CA VAL E 33 -8.45 -0.50 -8.67
C VAL E 33 -7.68 -1.76 -9.03
N ALA E 34 -8.09 -2.89 -8.47
CA ALA E 34 -7.49 -4.18 -8.77
C ALA E 34 -8.34 -4.94 -9.78
N TRP E 35 -7.76 -5.99 -10.36
CA TRP E 35 -8.48 -6.84 -11.31
C TRP E 35 -8.18 -8.30 -11.01
N TYR E 36 -9.18 -9.17 -11.18
CA TYR E 36 -9.11 -10.55 -10.76
C TYR E 36 -9.60 -11.46 -11.89
N GLN E 37 -9.34 -12.76 -11.73
CA GLN E 37 -9.76 -13.78 -12.68
C GLN E 37 -10.09 -15.08 -11.98
N GLN E 38 -11.30 -15.58 -12.19
CA GLN E 38 -11.75 -16.84 -11.63
C GLN E 38 -12.24 -17.73 -12.76
N LYS E 39 -11.48 -18.75 -13.09
CA LYS E 39 -11.89 -19.73 -14.07
C LYS E 39 -12.88 -20.71 -13.43
N PRO E 40 -13.71 -21.38 -14.23
CA PRO E 40 -14.65 -22.34 -13.65
C PRO E 40 -13.94 -23.56 -13.08
N GLY E 41 -14.42 -24.00 -11.91
CA GLY E 41 -13.78 -25.07 -11.18
C GLY E 41 -12.52 -24.66 -10.47
N GLN E 42 -12.34 -23.37 -10.22
CA GLN E 42 -11.11 -22.84 -9.64
C GLN E 42 -11.45 -21.85 -8.54
N SER E 43 -10.41 -21.11 -8.08
CA SER E 43 -10.28 -20.00 -7.15
C SER E 43 -9.80 -18.75 -7.89
N PRO E 44 -10.09 -17.54 -7.39
CA PRO E 44 -9.67 -16.34 -8.09
C PRO E 44 -8.16 -16.10 -8.03
N LYS E 45 -7.68 -15.28 -8.96
CA LYS E 45 -6.26 -14.95 -9.09
C LYS E 45 -6.14 -13.46 -9.42
N LEU E 46 -5.14 -12.82 -8.80
CA LEU E 46 -4.92 -11.39 -8.97
C LEU E 46 -4.06 -11.15 -10.20
N LEU E 47 -4.47 -10.18 -11.02
CA LEU E 47 -3.78 -9.87 -12.28
C LEU E 47 -3.18 -8.47 -12.31
N ILE E 48 -3.97 -7.44 -12.07
CA ILE E 48 -3.52 -6.06 -12.19
C ILE E 48 -3.71 -5.43 -10.82
N SER E 49 -2.62 -5.09 -10.14
CA SER E 49 -2.72 -4.64 -8.75
C SER E 49 -3.24 -3.21 -8.66
N SER E 50 -2.48 -2.26 -9.19
CA SER E 50 -2.90 -0.87 -9.25
C SER E 50 -3.75 -0.68 -10.50
N ALA E 51 -4.00 0.57 -10.87
CA ALA E 51 -4.84 0.86 -12.03
C ALA E 51 -4.18 0.44 -13.33
N SER E 52 -2.84 0.39 -13.35
CA SER E 52 -2.10 0.04 -14.56
C SER E 52 -0.91 -0.89 -14.33
N TYR E 53 -0.65 -1.30 -13.10
CA TYR E 53 0.56 -2.07 -12.80
C TYR E 53 0.26 -3.56 -12.88
N ARG E 54 0.99 -4.27 -13.75
CA ARG E 54 0.79 -5.70 -13.89
C ARG E 54 1.52 -6.46 -12.78
N TYR E 55 1.15 -7.73 -12.63
CA TYR E 55 1.74 -8.61 -11.62
C TYR E 55 2.83 -9.40 -12.35
N THR E 56 3.61 -10.17 -11.60
CA THR E 56 4.81 -10.84 -12.10
C THR E 56 4.39 -11.99 -13.03
N GLY E 57 3.66 -13.00 -12.55
CA GLY E 57 3.39 -14.17 -13.35
C GLY E 57 2.15 -14.07 -14.22
N VAL E 58 2.06 -13.00 -14.99
CA VAL E 58 0.90 -12.71 -15.82
C VAL E 58 1.35 -12.66 -17.27
N PRO E 59 0.60 -13.25 -18.22
CA PRO E 59 0.93 -13.09 -19.63
C PRO E 59 0.82 -11.64 -20.08
N ASP E 60 1.53 -11.33 -21.17
CA ASP E 60 1.72 -9.95 -21.61
C ASP E 60 0.46 -9.37 -22.24
N ARG E 61 -0.51 -10.20 -22.61
CA ARG E 61 -1.68 -9.71 -23.33
C ARG E 61 -2.70 -9.04 -22.44
N PHE E 62 -2.43 -8.91 -21.14
CA PHE E 62 -3.32 -8.24 -20.21
C PHE E 62 -2.78 -6.86 -19.86
N SER E 63 -3.67 -5.89 -19.77
CA SER E 63 -3.29 -4.50 -19.49
C SER E 63 -4.50 -3.76 -18.96
N GLY E 64 -4.23 -2.63 -18.31
CA GLY E 64 -5.29 -1.83 -17.73
C GLY E 64 -4.90 -0.37 -17.71
N SER E 65 -5.91 0.49 -17.65
CA SER E 65 -5.69 1.93 -17.69
C SER E 65 -6.93 2.62 -17.11
N GLY E 66 -6.82 3.92 -16.93
CA GLY E 66 -7.92 4.71 -16.42
C GLY E 66 -7.65 5.25 -15.03
N SER E 67 -8.27 6.38 -14.71
CA SER E 67 -8.11 7.01 -13.40
C SER E 67 -9.35 7.82 -13.10
N GLY E 68 -9.48 8.21 -11.82
CA GLY E 68 -10.63 8.99 -11.40
C GLY E 68 -11.80 8.11 -11.02
N THR E 69 -12.78 7.99 -11.93
CA THR E 69 -13.93 7.12 -11.71
C THR E 69 -14.03 6.02 -12.76
N ASP E 70 -13.61 6.30 -14.00
CA ASP E 70 -13.68 5.33 -15.08
C ASP E 70 -12.42 4.48 -15.11
N PHE E 71 -12.59 3.18 -15.29
CA PHE E 71 -11.48 2.24 -15.29
C PHE E 71 -11.77 1.17 -16.32
N THR E 72 -10.78 0.89 -17.17
CA THR E 72 -10.97 -0.06 -18.26
C THR E 72 -9.95 -1.19 -18.15
N PHE E 73 -10.18 -2.25 -18.92
CA PHE E 73 -9.37 -3.45 -18.92
C PHE E 73 -9.43 -4.08 -20.31
N THR E 74 -8.25 -4.35 -20.89
CA THR E 74 -8.15 -4.79 -22.27
C THR E 74 -7.36 -6.09 -22.40
N ILE E 75 -7.65 -6.83 -23.47
CA ILE E 75 -6.91 -8.04 -23.85
C ILE E 75 -6.62 -7.94 -25.35
N SER E 76 -5.36 -8.19 -25.73
CA SER E 76 -4.93 -8.01 -27.12
C SER E 76 -5.34 -9.18 -28.02
N SER E 77 -5.09 -10.41 -27.58
CA SER E 77 -5.45 -11.60 -28.35
C SER E 77 -6.16 -12.59 -27.44
N VAL E 78 -7.19 -13.24 -27.98
CA VAL E 78 -8.05 -14.12 -27.23
C VAL E 78 -7.50 -15.53 -27.34
N GLN E 79 -7.68 -16.33 -26.29
CA GLN E 79 -7.33 -17.74 -26.32
C GLN E 79 -8.57 -18.59 -26.03
N ALA E 80 -8.36 -19.90 -25.97
CA ALA E 80 -9.36 -20.82 -25.48
C ALA E 80 -9.26 -21.03 -23.97
N GLU E 81 -8.18 -20.56 -23.36
CA GLU E 81 -8.00 -20.62 -21.92
C GLU E 81 -8.54 -19.37 -21.22
N ASP E 82 -8.96 -18.36 -21.98
CA ASP E 82 -9.33 -17.08 -21.42
C ASP E 82 -10.81 -16.94 -21.16
N LEU E 83 -11.49 -18.04 -20.84
CA LEU E 83 -12.91 -18.03 -20.51
C LEU E 83 -13.03 -18.01 -19.00
N ALA E 84 -13.45 -16.87 -18.45
CA ALA E 84 -13.57 -16.70 -17.01
C ALA E 84 -14.48 -15.53 -16.73
N VAL E 85 -14.68 -15.24 -15.44
CA VAL E 85 -15.40 -14.04 -15.04
C VAL E 85 -14.43 -13.07 -14.36
N TYR E 86 -14.59 -11.79 -14.64
CA TYR E 86 -13.62 -10.77 -14.27
C TYR E 86 -14.22 -9.76 -13.31
N TYR E 87 -13.42 -9.25 -12.37
CA TYR E 87 -13.89 -8.41 -11.29
C TYR E 87 -12.98 -7.19 -11.11
N CYS E 88 -13.56 -6.08 -10.67
CA CYS E 88 -12.81 -4.88 -10.32
C CYS E 88 -13.08 -4.50 -8.87
N GLN E 89 -12.01 -4.22 -8.12
CA GLN E 89 -12.04 -3.99 -6.68
C GLN E 89 -11.69 -2.52 -6.42
N GLN E 90 -11.99 -2.07 -5.20
CA GLN E 90 -11.68 -0.73 -4.71
C GLN E 90 -10.90 -0.86 -3.42
N HIS E 91 -9.65 -0.39 -3.42
CA HIS E 91 -8.83 -0.51 -2.21
C HIS E 91 -8.32 0.85 -1.75
N TYR E 92 -9.23 1.81 -1.65
CA TYR E 92 -8.96 3.18 -1.23
C TYR E 92 -9.52 3.51 0.15
N SER E 93 -10.60 2.88 0.57
CA SER E 93 -11.27 3.15 1.84
C SER E 93 -11.38 1.87 2.66
N THR E 94 -12.14 1.94 3.76
CA THR E 94 -12.00 0.92 4.80
C THR E 94 -12.69 -0.41 4.46
N PRO E 95 -13.93 -0.49 3.95
CA PRO E 95 -14.36 -1.78 3.40
C PRO E 95 -13.97 -1.90 1.94
N PRO E 96 -13.25 -2.96 1.57
CA PRO E 96 -13.01 -3.21 0.16
C PRO E 96 -14.28 -3.72 -0.51
N THR E 97 -14.58 -3.17 -1.68
CA THR E 97 -15.85 -3.42 -2.34
C THR E 97 -15.62 -3.92 -3.76
N PHE E 98 -16.14 -5.10 -4.05
CA PHE E 98 -16.05 -5.72 -5.36
C PHE E 98 -17.18 -5.26 -6.27
N GLY E 99 -17.11 -5.70 -7.52
CA GLY E 99 -18.11 -5.38 -8.51
C GLY E 99 -19.09 -6.51 -8.72
N ALA E 100 -19.83 -6.42 -9.83
CA ALA E 100 -20.85 -7.41 -10.12
C ALA E 100 -20.25 -8.64 -10.79
N GLY E 101 -19.55 -8.45 -11.90
CA GLY E 101 -18.95 -9.57 -12.60
C GLY E 101 -19.32 -9.58 -14.07
N THR E 102 -18.32 -9.68 -14.94
CA THR E 102 -18.53 -9.75 -16.38
C THR E 102 -17.95 -11.04 -16.92
N LYS E 103 -18.79 -11.83 -17.59
CA LYS E 103 -18.40 -13.13 -18.11
C LYS E 103 -18.06 -13.02 -19.58
N LEU E 104 -17.00 -13.71 -19.98
CA LEU E 104 -16.60 -13.71 -21.38
C LEU E 104 -17.14 -14.97 -22.07
N GLU E 105 -17.58 -14.80 -23.32
CA GLU E 105 -18.16 -15.90 -24.07
C GLU E 105 -17.40 -16.06 -25.37
N LEU E 106 -17.23 -17.31 -25.79
CA LEU E 106 -16.48 -17.63 -27.00
C LEU E 106 -17.44 -17.72 -28.17
N LYS E 107 -17.15 -16.98 -29.24
CA LYS E 107 -17.99 -16.99 -30.43
C LYS E 107 -17.21 -17.39 -31.68
#